data_3PY7
#
_entry.id   3PY7
#
_cell.length_a   105.051
_cell.length_b   123.090
_cell.length_c   94.594
_cell.angle_alpha   90.00
_cell.angle_beta   90.00
_cell.angle_gamma   90.00
#
_symmetry.space_group_name_H-M   'C 2 2 21'
#
loop_
_entity.id
_entity.type
_entity.pdbx_description
1 polymer 'maltose-binding periplasmic protein,paxillin LD1,protein E6 chimera'
2 branched alpha-D-glucopyranose-(1-4)-alpha-D-glucopyranose-(1-4)-alpha-D-glucopyranose
3 non-polymer 'ZINC ION'
4 water water
#
_entity_poly.entity_id   1
_entity_poly.type   'polypeptide(L)'
_entity_poly.pdbx_seq_one_letter_code
;MKIEEGKLVIWINGDKGYNGLAEVGKKFEKDTGIKVTVEHPDKLEEKFPQVAATGDGPDIIFWAHDRFGGYAQSGLLAEI
TPAAAFQDKLYPFTWDAVRYNGKLIAYPIAVEALSLIYNKDLLPNPPKTWEEIPALDKELKAKGKSALMFNLQEPYFTWP
LIAADGGYAFKYENGKYDIKDVGVDNAGAKAGLTFLVDLIKNKHMNADTDYSIAEAAFNKGETAMTINGPWAWSNIDTSA
VNYGVTVLPTFKGQPSKPFVGVLSAGINAASPNKELAKEFLENYLLTDEGLEAVNKDKPLGAVALKSYEEELAKDPRIAA
TMENAQKGEIMPNIPQMSAFWYAVRTAVINAASGRQTVDAALAAAQTNAAAMDDLDALLADKEGGGMDLKPFARTNPFSG
LDCLWCREPLTEVDAFRCMVKDFHVVIREGCRYGACTICLENCLATERRLWQGVPVTGEEAELLHGKTLDRLCIRCCYCG
GKLTKNEKHRHVLFNEPFCKTRANIIRGRCYDCCRHGSRSKYP
;
_entity_poly.pdbx_strand_id   A
#
loop_
_chem_comp.id
_chem_comp.type
_chem_comp.name
_chem_comp.formula
GLC D-saccharide, alpha linking alpha-D-glucopyranose 'C6 H12 O6'
ZN non-polymer 'ZINC ION' 'Zn 2'
#
# COMPACT_ATOMS: atom_id res chain seq x y z
N ILE A 3 -10.97 4.83 -24.45
CA ILE A 3 -9.67 4.20 -24.71
C ILE A 3 -9.48 3.97 -26.21
N GLU A 4 -8.34 4.38 -26.73
CA GLU A 4 -8.04 4.26 -28.14
C GLU A 4 -7.98 2.81 -28.59
N GLU A 5 -8.71 2.49 -29.65
CA GLU A 5 -8.70 1.15 -30.23
C GLU A 5 -7.61 1.04 -31.28
N GLY A 6 -6.87 -0.06 -31.25
CA GLY A 6 -5.81 -0.28 -32.22
C GLY A 6 -4.42 -0.10 -31.66
N LYS A 7 -4.33 0.16 -30.36
CA LYS A 7 -3.04 0.32 -29.70
C LYS A 7 -3.09 -0.16 -28.24
N LEU A 8 -1.94 -0.18 -27.58
CA LEU A 8 -1.89 -0.57 -26.17
C LEU A 8 -1.23 0.50 -25.33
N VAL A 9 -1.95 0.97 -24.31
CA VAL A 9 -1.35 1.81 -23.28
C VAL A 9 -1.13 0.97 -22.04
N ILE A 10 0.08 1.00 -21.49
CA ILE A 10 0.40 0.16 -20.34
C ILE A 10 0.90 1.02 -19.18
N TRP A 11 0.31 0.82 -18.00
CA TRP A 11 0.75 1.50 -16.80
C TRP A 11 1.57 0.58 -15.91
N ILE A 12 2.72 1.05 -15.46
CA ILE A 12 3.56 0.31 -14.54
C ILE A 12 4.32 1.28 -13.64
N ASN A 13 4.64 0.82 -12.45
CA ASN A 13 5.27 1.66 -11.43
C ASN A 13 6.71 2.08 -11.77
N GLY A 14 7.11 3.24 -11.25
CA GLY A 14 8.38 3.85 -11.61
C GLY A 14 9.60 3.13 -11.09
N ASP A 15 9.42 2.23 -10.13
CA ASP A 15 10.57 1.49 -9.60
C ASP A 15 10.86 0.24 -10.42
N LYS A 16 9.98 -0.07 -11.37
CA LYS A 16 10.13 -1.25 -12.22
C LYS A 16 10.80 -0.94 -13.56
N GLY A 17 11.16 -1.99 -14.30
CA GLY A 17 11.88 -1.83 -15.54
C GLY A 17 11.00 -1.43 -16.71
N TYR A 18 10.46 -0.21 -16.68
CA TYR A 18 9.56 0.23 -17.72
C TYR A 18 10.24 0.42 -19.08
N ASN A 19 11.55 0.70 -19.06
CA ASN A 19 12.29 0.86 -20.30
C ASN A 19 12.45 -0.48 -21.00
N GLY A 20 12.88 -1.49 -20.25
CA GLY A 20 12.87 -2.86 -20.74
C GLY A 20 11.50 -3.27 -21.28
N LEU A 21 10.45 -3.02 -20.50
CA LEU A 21 9.11 -3.33 -20.97
C LEU A 21 8.79 -2.60 -22.28
N ALA A 22 9.31 -1.38 -22.42
CA ALA A 22 9.09 -0.62 -23.66
C ALA A 22 9.71 -1.33 -24.85
N GLU A 23 10.83 -2.00 -24.62
CA GLU A 23 11.50 -2.74 -25.68
C GLU A 23 10.64 -3.92 -26.11
N VAL A 24 10.12 -4.69 -25.15
CA VAL A 24 9.13 -5.71 -25.48
C VAL A 24 8.01 -5.07 -26.31
N GLY A 25 7.55 -3.91 -25.88
CA GLY A 25 6.51 -3.18 -26.59
C GLY A 25 6.87 -2.84 -28.03
N LYS A 26 8.16 -2.62 -28.30
CA LYS A 26 8.55 -2.27 -29.65
C LYS A 26 8.65 -3.51 -30.54
N LYS A 27 9.03 -4.64 -29.97
CA LYS A 27 8.98 -5.90 -30.69
C LYS A 27 7.53 -6.21 -31.11
N PHE A 28 6.59 -6.08 -30.18
CA PHE A 28 5.19 -6.30 -30.48
C PHE A 28 4.78 -5.44 -31.68
N GLU A 29 5.28 -4.21 -31.71
CA GLU A 29 4.95 -3.24 -32.76
C GLU A 29 5.57 -3.63 -34.11
N LYS A 30 6.81 -4.07 -34.09
CA LYS A 30 7.49 -4.55 -35.28
C LYS A 30 6.81 -5.79 -35.87
N ASP A 31 6.26 -6.64 -35.02
CA ASP A 31 5.61 -7.87 -35.47
C ASP A 31 4.14 -7.68 -35.89
N THR A 32 3.41 -6.79 -35.23
CA THR A 32 1.95 -6.72 -35.38
C THR A 32 1.45 -5.42 -35.97
N GLY A 33 2.31 -4.40 -35.95
CA GLY A 33 1.90 -3.08 -36.39
C GLY A 33 1.18 -2.32 -35.29
N ILE A 34 1.07 -2.90 -34.11
CA ILE A 34 0.36 -2.24 -33.03
C ILE A 34 1.31 -1.45 -32.14
N LYS A 35 1.04 -0.16 -31.95
CA LYS A 35 1.90 0.64 -31.08
C LYS A 35 1.59 0.42 -29.60
N VAL A 36 2.64 0.24 -28.81
CA VAL A 36 2.50 0.05 -27.38
C VAL A 36 3.17 1.21 -26.69
N THR A 37 2.41 1.89 -25.84
CA THR A 37 2.94 3.02 -25.10
C THR A 37 2.99 2.65 -23.63
N VAL A 38 4.19 2.65 -23.07
CA VAL A 38 4.39 2.36 -21.66
C VAL A 38 4.52 3.64 -20.86
N GLU A 39 3.74 3.77 -19.79
CA GLU A 39 3.76 4.97 -18.98
C GLU A 39 3.93 4.59 -17.50
N HIS A 40 4.47 5.52 -16.71
CA HIS A 40 4.64 5.26 -15.29
C HIS A 40 4.14 6.41 -14.41
N PRO A 41 2.82 6.61 -14.39
CA PRO A 41 2.13 7.68 -13.65
C PRO A 41 2.38 7.55 -12.16
N ASP A 42 2.47 8.67 -11.46
CA ASP A 42 2.58 8.60 -10.02
C ASP A 42 1.24 8.17 -9.41
N LYS A 43 1.30 7.41 -8.33
CA LYS A 43 0.11 6.89 -7.70
C LYS A 43 -0.79 6.15 -8.70
N LEU A 44 -0.19 5.44 -9.65
CA LEU A 44 -0.98 4.74 -10.67
C LEU A 44 -2.05 3.82 -10.06
N GLU A 45 -1.76 3.22 -8.91
CA GLU A 45 -2.65 2.24 -8.32
C GLU A 45 -3.89 2.91 -7.72
N GLU A 46 -3.78 4.20 -7.45
CA GLU A 46 -4.93 4.95 -6.95
C GLU A 46 -5.65 5.61 -8.12
N LYS A 47 -4.90 5.97 -9.16
CA LYS A 47 -5.51 6.61 -10.32
C LYS A 47 -6.33 5.62 -11.12
N PHE A 48 -5.81 4.40 -11.26
CA PHE A 48 -6.49 3.40 -12.06
C PHE A 48 -7.97 3.25 -11.72
N PRO A 49 -8.30 3.03 -10.43
CA PRO A 49 -9.72 2.86 -10.11
C PRO A 49 -10.61 4.11 -10.33
N GLN A 50 -10.08 5.34 -10.16
CA GLN A 50 -10.90 6.53 -10.44
C GLN A 50 -11.22 6.53 -11.92
N VAL A 51 -10.14 6.47 -12.69
CA VAL A 51 -10.19 6.64 -14.13
C VAL A 51 -10.87 5.47 -14.87
N ALA A 52 -10.60 4.24 -14.44
CA ALA A 52 -11.18 3.06 -15.08
C ALA A 52 -12.67 2.98 -14.85
N ALA A 53 -13.13 3.55 -13.74
CA ALA A 53 -14.56 3.54 -13.41
C ALA A 53 -15.38 4.29 -14.47
N THR A 54 -14.83 5.36 -15.04
CA THR A 54 -15.49 6.07 -16.13
C THR A 54 -15.09 5.48 -17.49
N GLY A 55 -14.47 4.32 -17.47
CA GLY A 55 -14.14 3.64 -18.71
C GLY A 55 -12.93 4.22 -19.42
N ASP A 56 -12.10 4.96 -18.70
CA ASP A 56 -10.82 5.38 -19.26
C ASP A 56 -9.69 4.54 -18.64
N GLY A 57 -8.46 5.03 -18.78
CA GLY A 57 -7.30 4.36 -18.20
C GLY A 57 -6.47 3.64 -19.24
N PRO A 58 -5.54 2.78 -18.77
CA PRO A 58 -4.69 1.99 -19.66
C PRO A 58 -5.39 0.70 -20.03
N ASP A 59 -4.90 0.06 -21.09
CA ASP A 59 -5.36 -1.27 -21.49
C ASP A 59 -4.88 -2.30 -20.47
N ILE A 60 -3.65 -2.14 -20.02
CA ILE A 60 -3.01 -3.08 -19.10
C ILE A 60 -2.46 -2.31 -17.90
N ILE A 61 -2.68 -2.85 -16.72
CA ILE A 61 -2.08 -2.24 -15.55
C ILE A 61 -1.25 -3.25 -14.75
N PHE A 62 -0.06 -2.81 -14.34
CA PHE A 62 0.85 -3.63 -13.56
C PHE A 62 0.88 -3.18 -12.10
N TRP A 63 0.77 -4.15 -11.19
CA TRP A 63 0.95 -3.90 -9.76
C TRP A 63 1.05 -5.25 -9.05
N ALA A 64 1.59 -5.26 -7.83
CA ALA A 64 1.52 -6.47 -7.01
C ALA A 64 0.05 -6.89 -6.86
N HIS A 65 -0.18 -8.20 -6.72
CA HIS A 65 -1.52 -8.77 -6.73
C HIS A 65 -2.48 -8.24 -5.63
N ASP A 66 -1.95 -7.65 -4.56
CA ASP A 66 -2.80 -7.26 -3.42
C ASP A 66 -3.86 -6.20 -3.77
N ARG A 67 -3.60 -5.38 -4.78
CA ARG A 67 -4.53 -4.34 -5.18
C ARG A 67 -5.69 -4.89 -6.01
N PHE A 68 -5.48 -6.05 -6.62
CA PHE A 68 -6.35 -6.52 -7.70
C PHE A 68 -7.74 -7.05 -7.27
N GLY A 69 -7.81 -7.58 -6.06
CA GLY A 69 -9.10 -7.99 -5.51
C GLY A 69 -10.06 -6.81 -5.49
N GLY A 70 -9.57 -5.67 -5.03
CA GLY A 70 -10.37 -4.45 -5.03
C GLY A 70 -10.79 -4.05 -6.43
N TYR A 71 -9.88 -4.14 -7.40
CA TYR A 71 -10.17 -3.81 -8.78
C TYR A 71 -11.27 -4.70 -9.35
N ALA A 72 -11.19 -5.99 -9.05
CA ALA A 72 -12.10 -6.98 -9.59
C ALA A 72 -13.49 -6.80 -8.98
N GLN A 73 -13.54 -6.65 -7.67
CA GLN A 73 -14.78 -6.38 -6.96
C GLN A 73 -15.58 -5.24 -7.59
N SER A 74 -14.88 -4.18 -7.99
CA SER A 74 -15.53 -3.02 -8.60
C SER A 74 -15.75 -3.26 -10.09
N GLY A 75 -15.47 -4.48 -10.55
CA GLY A 75 -15.69 -4.84 -11.94
C GLY A 75 -14.78 -4.12 -12.92
N LEU A 76 -13.56 -3.82 -12.52
CA LEU A 76 -12.63 -3.06 -13.34
C LEU A 76 -11.71 -3.89 -14.24
N LEU A 77 -11.67 -5.21 -14.01
CA LEU A 77 -10.73 -6.09 -14.69
C LEU A 77 -11.40 -7.14 -15.58
N ALA A 78 -10.81 -7.40 -16.74
CA ALA A 78 -11.33 -8.42 -17.62
C ALA A 78 -10.99 -9.79 -17.06
N GLU A 79 -11.85 -10.77 -17.28
CA GLU A 79 -11.52 -12.12 -16.87
C GLU A 79 -10.45 -12.70 -17.79
N ILE A 80 -9.48 -13.35 -17.18
CA ILE A 80 -8.33 -13.89 -17.91
C ILE A 80 -8.58 -15.37 -18.16
N THR A 81 -8.57 -15.78 -19.43
CA THR A 81 -8.79 -17.18 -19.71
C THR A 81 -7.69 -17.80 -20.57
N PRO A 82 -6.54 -18.09 -19.95
CA PRO A 82 -5.45 -18.80 -20.63
C PRO A 82 -5.68 -20.31 -20.69
N ALA A 83 -5.38 -20.89 -21.86
CA ALA A 83 -5.39 -22.33 -22.03
C ALA A 83 -4.63 -23.02 -20.90
N ALA A 84 -4.99 -24.26 -20.62
CA ALA A 84 -4.31 -25.05 -19.58
C ALA A 84 -2.84 -25.16 -19.90
N ALA A 85 -2.52 -25.32 -21.18
CA ALA A 85 -1.14 -25.42 -21.62
C ALA A 85 -0.31 -24.22 -21.14
N PHE A 86 -0.88 -23.02 -21.28
CA PHE A 86 -0.20 -21.80 -20.86
C PHE A 86 -0.10 -21.72 -19.35
N GLN A 87 -1.18 -22.05 -18.65
CA GLN A 87 -1.18 -22.01 -17.19
C GLN A 87 -0.06 -22.87 -16.64
N ASP A 88 0.21 -23.98 -17.32
CA ASP A 88 1.24 -24.93 -16.90
C ASP A 88 2.65 -24.36 -16.98
N LYS A 89 2.78 -23.24 -17.66
CA LYS A 89 4.08 -22.59 -17.84
C LYS A 89 4.49 -21.77 -16.62
N LEU A 90 3.52 -21.42 -15.78
CA LEU A 90 3.75 -20.59 -14.60
C LEU A 90 3.54 -21.41 -13.33
N TYR A 91 4.23 -21.06 -12.24
CA TYR A 91 4.07 -21.78 -10.98
C TYR A 91 2.64 -21.65 -10.47
N PRO A 92 2.04 -22.78 -10.03
CA PRO A 92 0.66 -22.79 -9.53
C PRO A 92 0.33 -21.71 -8.50
N PHE A 93 1.23 -21.46 -7.53
CA PHE A 93 0.88 -20.51 -6.48
C PHE A 93 0.71 -19.08 -7.02
N THR A 94 1.31 -18.80 -8.16
CA THR A 94 1.22 -17.46 -8.75
C THR A 94 -0.17 -17.22 -9.33
N TRP A 95 -0.75 -18.27 -9.91
CA TRP A 95 -2.11 -18.17 -10.39
C TRP A 95 -3.07 -17.98 -9.21
N ASP A 96 -2.77 -18.65 -8.09
CA ASP A 96 -3.62 -18.53 -6.91
C ASP A 96 -3.65 -17.09 -6.41
N ALA A 97 -2.54 -16.38 -6.57
CA ALA A 97 -2.44 -15.00 -6.12
C ALA A 97 -3.33 -14.06 -6.94
N VAL A 98 -3.62 -14.44 -8.19
CA VAL A 98 -4.44 -13.57 -9.06
C VAL A 98 -5.85 -14.14 -9.31
N ARG A 99 -6.28 -15.03 -8.41
CA ARG A 99 -7.63 -15.59 -8.49
C ARG A 99 -8.56 -14.85 -7.51
N TYR A 100 -9.70 -14.38 -7.99
CA TYR A 100 -10.64 -13.67 -7.13
C TYR A 100 -12.05 -14.17 -7.33
N ASN A 101 -12.63 -14.76 -6.28
CA ASN A 101 -13.94 -15.41 -6.40
C ASN A 101 -14.00 -16.39 -7.56
N GLY A 102 -13.04 -17.30 -7.62
CA GLY A 102 -12.99 -18.33 -8.63
C GLY A 102 -12.57 -17.88 -10.02
N LYS A 103 -12.33 -16.59 -10.21
CA LYS A 103 -11.92 -16.09 -11.54
C LYS A 103 -10.46 -15.60 -11.54
N LEU A 104 -9.75 -15.90 -12.62
CA LEU A 104 -8.44 -15.31 -12.85
C LEU A 104 -8.60 -13.88 -13.34
N ILE A 105 -8.03 -12.93 -12.62
CA ILE A 105 -8.22 -11.53 -12.98
C ILE A 105 -6.93 -10.82 -13.38
N ALA A 106 -5.84 -11.55 -13.45
CA ALA A 106 -4.59 -10.99 -13.98
C ALA A 106 -3.56 -12.06 -14.33
N TYR A 107 -2.53 -11.64 -15.06
CA TYR A 107 -1.38 -12.51 -15.35
C TYR A 107 -0.28 -12.25 -14.34
N PRO A 108 0.21 -13.32 -13.70
CA PRO A 108 1.37 -13.26 -12.80
C PRO A 108 2.65 -13.09 -13.58
N ILE A 109 3.51 -12.18 -13.15
CA ILE A 109 4.76 -11.92 -13.84
C ILE A 109 5.95 -12.38 -13.00
N ALA A 110 6.02 -11.89 -11.76
CA ALA A 110 7.19 -12.09 -10.93
C ALA A 110 6.84 -12.06 -9.45
N VAL A 111 7.71 -12.66 -8.65
CA VAL A 111 7.50 -12.81 -7.21
C VAL A 111 8.53 -11.97 -6.44
N GLU A 112 8.06 -11.21 -5.47
CA GLU A 112 8.87 -10.18 -4.85
C GLU A 112 8.94 -10.32 -3.35
N ALA A 113 10.14 -10.23 -2.80
CA ALA A 113 10.27 -10.16 -1.36
C ALA A 113 11.43 -9.24 -0.98
N LEU A 114 11.32 -8.60 0.17
CA LEU A 114 12.40 -7.77 0.66
C LEU A 114 13.54 -8.64 1.17
N SER A 115 14.76 -8.14 1.09
CA SER A 115 15.91 -8.79 1.68
C SER A 115 16.77 -7.74 2.36
N LEU A 116 17.73 -8.22 3.15
CA LEU A 116 18.76 -7.35 3.73
C LEU A 116 19.83 -7.17 2.67
N ILE A 117 20.09 -5.92 2.31
CA ILE A 117 21.19 -5.63 1.40
C ILE A 117 22.29 -4.95 2.20
N TYR A 118 23.52 -5.41 2.03
CA TYR A 118 24.62 -4.92 2.85
C TYR A 118 25.91 -4.67 2.06
N ASN A 119 26.73 -3.75 2.58
CA ASN A 119 27.97 -3.31 1.98
C ASN A 119 29.12 -4.17 2.51
N LYS A 120 29.61 -5.11 1.71
CA LYS A 120 30.63 -6.07 2.16
C LYS A 120 31.91 -5.42 2.71
N ASP A 121 32.29 -4.28 2.13
CA ASP A 121 33.49 -3.56 2.58
C ASP A 121 33.34 -2.99 4.00
N LEU A 122 32.14 -2.52 4.31
CA LEU A 122 31.86 -1.92 5.63
C LEU A 122 31.42 -2.96 6.64
N LEU A 123 30.84 -4.04 6.13
CA LEU A 123 30.23 -5.04 6.99
C LEU A 123 30.37 -6.38 6.33
N PRO A 124 31.54 -7.02 6.50
CA PRO A 124 31.83 -8.29 5.83
C PRO A 124 30.86 -9.38 6.30
N ASN A 125 30.47 -9.29 7.57
CA ASN A 125 29.53 -10.23 8.13
C ASN A 125 28.32 -9.52 8.71
N PRO A 126 27.23 -9.49 7.94
CA PRO A 126 26.03 -8.77 8.39
C PRO A 126 25.41 -9.45 9.62
N PRO A 127 24.80 -8.64 10.49
CA PRO A 127 24.16 -9.08 11.73
C PRO A 127 22.99 -10.03 11.45
N LYS A 128 22.82 -10.98 12.35
CA LYS A 128 21.77 -11.97 12.21
C LYS A 128 20.50 -11.52 12.93
N THR A 129 20.64 -10.57 13.84
CA THR A 129 19.50 -10.13 14.61
C THR A 129 19.29 -8.62 14.55
N TRP A 130 18.04 -8.19 14.65
CA TRP A 130 17.73 -6.78 14.73
C TRP A 130 18.37 -6.18 15.98
N GLU A 131 18.53 -7.01 17.00
CA GLU A 131 19.04 -6.58 18.30
C GLU A 131 20.52 -6.16 18.27
N GLU A 132 21.25 -6.60 17.26
CA GLU A 132 22.66 -6.27 17.14
C GLU A 132 22.89 -4.92 16.47
N ILE A 133 21.87 -4.41 15.78
CA ILE A 133 21.99 -3.19 15.01
C ILE A 133 22.39 -1.98 15.86
N PRO A 134 21.73 -1.81 17.00
CA PRO A 134 22.02 -0.68 17.88
C PRO A 134 23.49 -0.56 18.22
N ALA A 135 24.11 -1.66 18.64
CA ALA A 135 25.52 -1.67 18.98
C ALA A 135 26.39 -1.51 17.73
N LEU A 136 25.92 -2.07 16.63
CA LEU A 136 26.65 -1.99 15.37
C LEU A 136 26.64 -0.56 14.83
N ASP A 137 25.53 0.14 14.99
CA ASP A 137 25.41 1.51 14.54
C ASP A 137 26.38 2.40 15.30
N LYS A 138 26.47 2.18 16.61
CA LYS A 138 27.40 2.93 17.45
C LYS A 138 28.81 2.81 16.87
N GLU A 139 29.21 1.57 16.56
CA GLU A 139 30.49 1.32 15.92
C GLU A 139 30.65 2.14 14.65
N LEU A 140 29.67 2.07 13.75
CA LEU A 140 29.80 2.73 12.46
C LEU A 140 29.74 4.27 12.54
N LYS A 141 28.96 4.79 13.49
CA LYS A 141 28.88 6.23 13.69
C LYS A 141 30.25 6.80 14.06
N ALA A 142 31.02 6.04 14.84
CA ALA A 142 32.39 6.45 15.17
C ALA A 142 33.20 6.82 13.92
N LYS A 143 32.88 6.19 12.79
CA LYS A 143 33.55 6.50 11.54
C LYS A 143 32.72 7.36 10.60
N GLY A 144 31.70 8.03 11.13
CA GLY A 144 30.82 8.85 10.31
C GLY A 144 29.87 8.11 9.37
N LYS A 145 29.57 6.85 9.68
CA LYS A 145 28.65 6.03 8.88
C LYS A 145 27.48 5.55 9.75
N SER A 146 26.44 4.99 9.14
CA SER A 146 25.37 4.37 9.92
C SER A 146 25.19 2.88 9.59
N ALA A 147 24.57 2.14 10.51
CA ALA A 147 24.31 0.72 10.29
C ALA A 147 23.22 0.47 9.23
N LEU A 148 22.07 1.10 9.41
CA LEU A 148 20.90 0.76 8.60
C LEU A 148 20.06 1.96 8.21
N MET A 149 19.80 2.11 6.92
CA MET A 149 18.78 3.03 6.43
C MET A 149 17.84 2.32 5.46
N PHE A 150 16.54 2.56 5.63
CA PHE A 150 15.57 2.07 4.68
C PHE A 150 14.28 2.87 4.78
N ASN A 151 13.40 2.69 3.81
CA ASN A 151 12.20 3.51 3.67
C ASN A 151 11.24 3.27 4.82
N LEU A 152 11.06 4.26 5.68
CA LEU A 152 10.13 4.11 6.79
C LEU A 152 8.78 4.71 6.49
N GLN A 153 8.61 5.30 5.31
CA GLN A 153 7.34 5.93 4.98
C GLN A 153 6.29 4.91 4.54
N GLU A 154 6.75 3.75 4.07
CA GLU A 154 5.86 2.72 3.56
C GLU A 154 5.85 1.49 4.47
N PRO A 155 4.67 1.12 4.94
CA PRO A 155 4.52 -0.03 5.84
C PRO A 155 5.04 -1.32 5.23
N TYR A 156 5.20 -1.35 3.92
CA TYR A 156 5.72 -2.51 3.21
C TYR A 156 7.12 -2.87 3.72
N PHE A 157 7.87 -1.86 4.12
CA PHE A 157 9.25 -2.06 4.54
C PHE A 157 9.39 -2.32 6.03
N THR A 158 8.40 -1.91 6.81
CA THR A 158 8.47 -2.04 8.26
C THR A 158 7.68 -3.26 8.74
N TRP A 159 6.79 -3.77 7.90
CA TRP A 159 5.93 -4.90 8.24
C TRP A 159 6.68 -6.19 8.59
N PRO A 160 7.77 -6.51 7.86
CA PRO A 160 8.49 -7.75 8.20
C PRO A 160 8.89 -7.81 9.67
N LEU A 161 9.31 -6.68 10.23
CA LEU A 161 9.67 -6.61 11.65
C LEU A 161 8.45 -6.64 12.56
N ILE A 162 7.41 -5.91 12.20
CA ILE A 162 6.18 -5.91 13.00
C ILE A 162 5.53 -7.29 13.06
N ALA A 163 5.61 -8.02 11.97
CA ALA A 163 5.02 -9.33 11.89
C ALA A 163 5.88 -10.41 12.56
N ALA A 164 7.18 -10.15 12.68
CA ALA A 164 8.12 -11.13 13.19
C ALA A 164 7.65 -11.87 14.44
N ASP A 165 7.25 -11.12 15.47
CA ASP A 165 6.90 -11.71 16.76
C ASP A 165 5.41 -12.01 16.93
N GLY A 166 4.65 -12.01 15.86
CA GLY A 166 3.24 -12.38 15.94
C GLY A 166 2.25 -11.47 15.24
N GLY A 167 2.73 -10.39 14.65
CA GLY A 167 1.86 -9.47 13.94
C GLY A 167 1.31 -10.11 12.67
N TYR A 168 0.06 -9.79 12.33
CA TYR A 168 -0.56 -10.30 11.13
C TYR A 168 -1.71 -9.42 10.65
N ALA A 169 -2.04 -9.53 9.37
CA ALA A 169 -3.11 -8.72 8.79
C ALA A 169 -4.47 -9.34 9.10
N PHE A 170 -4.89 -10.27 8.25
CA PHE A 170 -6.13 -10.99 8.51
C PHE A 170 -5.84 -12.47 8.76
N LYS A 171 -6.48 -13.03 9.77
CA LYS A 171 -6.39 -14.47 10.04
C LYS A 171 -7.12 -15.24 8.94
N TYR A 172 -6.45 -16.25 8.40
CA TYR A 172 -7.08 -17.12 7.43
C TYR A 172 -7.80 -18.26 8.17
N GLU A 173 -9.09 -18.42 7.91
CA GLU A 173 -9.83 -19.53 8.51
C GLU A 173 -11.17 -19.81 7.82
N ASN A 174 -11.62 -21.07 7.95
CA ASN A 174 -12.81 -21.54 7.25
C ASN A 174 -12.75 -21.23 5.76
N GLY A 175 -11.61 -21.49 5.16
CA GLY A 175 -11.41 -21.26 3.73
C GLY A 175 -11.38 -19.81 3.24
N LYS A 176 -11.17 -18.84 4.14
CA LYS A 176 -11.14 -17.44 3.74
C LYS A 176 -10.52 -16.50 4.77
N TYR A 177 -9.93 -15.40 4.31
CA TYR A 177 -9.42 -14.41 5.25
C TYR A 177 -10.60 -13.83 6.01
N ASP A 178 -10.45 -13.78 7.33
CA ASP A 178 -11.48 -13.27 8.21
C ASP A 178 -11.28 -11.77 8.45
N ILE A 179 -12.09 -10.96 7.79
CA ILE A 179 -11.93 -9.51 7.85
C ILE A 179 -12.22 -8.92 9.22
N LYS A 180 -12.66 -9.76 10.16
CA LYS A 180 -12.97 -9.27 11.50
C LYS A 180 -11.92 -9.75 12.50
N ASP A 181 -10.95 -10.51 12.01
CA ASP A 181 -9.84 -10.95 12.84
C ASP A 181 -8.55 -10.33 12.30
N VAL A 182 -8.19 -9.18 12.86
CA VAL A 182 -7.00 -8.42 12.46
C VAL A 182 -5.94 -8.51 13.57
N GLY A 183 -4.68 -8.71 13.18
CA GLY A 183 -3.62 -8.93 14.14
C GLY A 183 -2.67 -7.75 14.24
N VAL A 184 -3.22 -6.56 14.22
CA VAL A 184 -2.39 -5.37 14.07
C VAL A 184 -2.01 -4.75 15.41
N ASP A 185 -2.81 -5.01 16.45
CA ASP A 185 -2.47 -4.48 17.77
C ASP A 185 -2.24 -5.57 18.82
N ASN A 186 -1.89 -6.77 18.38
CA ASN A 186 -1.52 -7.83 19.31
C ASN A 186 -0.12 -7.61 19.88
N ALA A 187 0.25 -8.44 20.86
CA ALA A 187 1.50 -8.23 21.58
C ALA A 187 2.75 -8.26 20.69
N GLY A 188 2.71 -9.06 19.62
CA GLY A 188 3.85 -9.18 18.74
C GLY A 188 4.06 -7.96 17.83
N ALA A 189 2.96 -7.35 17.41
CA ALA A 189 3.02 -6.15 16.58
C ALA A 189 3.62 -5.02 17.40
N LYS A 190 3.10 -4.85 18.61
CA LYS A 190 3.60 -3.84 19.52
C LYS A 190 5.09 -3.97 19.79
N ALA A 191 5.54 -5.20 20.01
CA ALA A 191 6.97 -5.43 20.24
C ALA A 191 7.80 -4.99 19.03
N GLY A 192 7.40 -5.42 17.84
CA GLY A 192 8.11 -5.06 16.64
C GLY A 192 8.10 -3.56 16.38
N LEU A 193 6.94 -2.92 16.58
CA LEU A 193 6.87 -1.47 16.36
C LEU A 193 7.62 -0.74 17.44
N THR A 194 7.57 -1.26 18.66
CA THR A 194 8.36 -0.68 19.75
C THR A 194 9.87 -0.73 19.47
N PHE A 195 10.33 -1.85 18.93
CA PHE A 195 11.75 -1.92 18.62
C PHE A 195 12.12 -0.85 17.59
N LEU A 196 11.29 -0.70 16.56
CA LEU A 196 11.52 0.30 15.51
C LEU A 196 11.57 1.71 16.06
N VAL A 197 10.60 2.03 16.92
CA VAL A 197 10.47 3.36 17.49
C VAL A 197 11.67 3.70 18.40
N ASP A 198 12.16 2.72 19.14
CA ASP A 198 13.38 2.88 19.95
C ASP A 198 14.64 3.10 19.10
N LEU A 199 14.75 2.46 17.94
CA LEU A 199 15.87 2.77 17.04
C LEU A 199 15.87 4.26 16.69
N ILE A 200 14.68 4.84 16.59
CA ILE A 200 14.54 6.24 16.24
C ILE A 200 14.81 7.18 17.42
N LYS A 201 14.29 6.84 18.60
CA LYS A 201 14.56 7.66 19.79
C LYS A 201 16.05 7.65 20.13
N ASN A 202 16.73 6.54 19.84
CA ASN A 202 18.15 6.41 20.12
C ASN A 202 19.03 6.83 18.94
N LYS A 203 18.41 7.42 17.93
CA LYS A 203 19.14 8.11 16.87
C LYS A 203 19.90 7.17 15.94
N HIS A 204 19.49 5.91 15.92
CA HIS A 204 20.01 4.95 14.96
C HIS A 204 19.34 5.08 13.59
N MET A 205 18.14 5.68 13.54
CA MET A 205 17.44 5.96 12.27
C MET A 205 16.64 7.26 12.38
N ASN A 206 16.34 7.88 11.24
CA ASN A 206 15.49 9.09 11.22
C ASN A 206 14.09 8.75 10.72
N ALA A 207 13.09 9.23 11.42
CA ALA A 207 11.70 9.03 11.05
C ALA A 207 11.42 9.49 9.63
N ASP A 208 12.20 10.45 9.14
CA ASP A 208 11.99 11.10 7.84
C ASP A 208 12.54 10.30 6.66
N THR A 209 13.39 9.32 6.93
CA THR A 209 14.00 8.56 5.83
C THR A 209 12.96 7.94 4.89
N ASP A 210 13.12 8.18 3.60
CA ASP A 210 12.22 7.58 2.63
C ASP A 210 13.00 6.78 1.60
N TYR A 211 12.35 6.42 0.51
CA TYR A 211 12.97 5.54 -0.47
C TYR A 211 14.25 6.18 -1.05
N SER A 212 14.13 7.40 -1.57
CA SER A 212 15.25 8.08 -2.24
C SER A 212 16.40 8.30 -1.31
N ILE A 213 16.10 8.71 -0.08
CA ILE A 213 17.12 9.01 0.90
C ILE A 213 17.91 7.76 1.34
N ALA A 214 17.22 6.63 1.55
CA ALA A 214 17.95 5.41 1.94
C ALA A 214 18.74 4.89 0.77
N GLU A 215 18.18 4.98 -0.43
CA GLU A 215 18.85 4.48 -1.61
C GLU A 215 20.17 5.22 -1.89
N ALA A 216 20.11 6.55 -1.91
CA ALA A 216 21.30 7.40 -2.09
C ALA A 216 22.35 7.10 -1.03
N ALA A 217 21.93 7.07 0.23
CA ALA A 217 22.84 6.81 1.32
C ALA A 217 23.56 5.47 1.15
N PHE A 218 22.84 4.43 0.76
CA PHE A 218 23.49 3.12 0.60
C PHE A 218 24.39 3.06 -0.64
N ASN A 219 23.90 3.63 -1.73
CA ASN A 219 24.62 3.57 -2.99
C ASN A 219 25.84 4.53 -3.01
N LYS A 220 25.95 5.41 -2.01
CA LYS A 220 27.10 6.31 -1.86
C LYS A 220 28.00 5.89 -0.69
N GLY A 221 27.80 4.68 -0.19
CA GLY A 221 28.66 4.12 0.83
C GLY A 221 28.55 4.72 2.22
N GLU A 222 27.46 5.46 2.47
CA GLU A 222 27.27 6.13 3.76
C GLU A 222 26.63 5.27 4.84
N THR A 223 25.88 4.24 4.44
CA THR A 223 25.29 3.33 5.43
C THR A 223 25.65 1.91 5.04
N ALA A 224 25.77 1.04 6.03
CA ALA A 224 26.23 -0.32 5.79
C ALA A 224 25.14 -1.28 5.29
N MET A 225 23.89 -0.98 5.61
CA MET A 225 22.79 -1.87 5.26
C MET A 225 21.56 -1.11 4.79
N THR A 226 20.71 -1.82 4.06
CA THR A 226 19.43 -1.28 3.60
C THR A 226 18.48 -2.43 3.32
N ILE A 227 17.18 -2.14 3.37
CA ILE A 227 16.17 -3.15 3.09
C ILE A 227 15.40 -2.77 1.84
N ASN A 228 15.55 -3.58 0.79
CA ASN A 228 14.89 -3.31 -0.48
C ASN A 228 14.63 -4.57 -1.30
N GLY A 229 13.95 -4.41 -2.42
CA GLY A 229 13.64 -5.53 -3.29
C GLY A 229 14.56 -5.63 -4.48
N PRO A 230 14.33 -6.66 -5.30
CA PRO A 230 15.15 -6.90 -6.49
C PRO A 230 15.24 -5.69 -7.44
N TRP A 231 14.17 -4.90 -7.58
CA TRP A 231 14.21 -3.73 -8.44
C TRP A 231 15.35 -2.76 -8.10
N ALA A 232 15.83 -2.82 -6.86
CA ALA A 232 16.82 -1.87 -6.39
C ALA A 232 18.27 -2.24 -6.78
N TRP A 233 18.51 -3.50 -7.11
CA TRP A 233 19.87 -3.99 -7.41
C TRP A 233 20.55 -3.28 -8.56
N SER A 234 19.79 -2.93 -9.59
CA SER A 234 20.33 -2.31 -10.80
C SER A 234 21.13 -1.03 -10.51
N ASN A 235 20.63 -0.21 -9.59
CA ASN A 235 21.31 1.03 -9.24
C ASN A 235 22.50 0.81 -8.33
N ILE A 236 22.47 -0.26 -7.54
CA ILE A 236 23.61 -0.56 -6.69
C ILE A 236 24.75 -1.05 -7.59
N ASP A 237 24.41 -1.89 -8.56
CA ASP A 237 25.38 -2.33 -9.56
C ASP A 237 26.14 -1.14 -10.12
N THR A 238 25.39 -0.12 -10.57
CA THR A 238 25.99 1.04 -11.23
C THR A 238 26.81 1.93 -10.28
N SER A 239 26.59 1.75 -8.97
CA SER A 239 27.40 2.44 -7.96
C SER A 239 28.70 1.69 -7.68
N ALA A 240 29.56 2.32 -6.88
CA ALA A 240 30.83 1.72 -6.51
C ALA A 240 30.70 0.64 -5.44
N VAL A 241 29.47 0.36 -4.99
CA VAL A 241 29.29 -0.50 -3.81
C VAL A 241 29.38 -2.01 -4.06
N ASN A 242 30.10 -2.69 -3.19
CA ASN A 242 30.27 -4.13 -3.24
C ASN A 242 29.27 -4.72 -2.27
N TYR A 243 28.15 -5.22 -2.78
CA TYR A 243 27.03 -5.51 -1.90
C TYR A 243 26.63 -6.97 -1.92
N GLY A 244 26.08 -7.42 -0.80
CA GLY A 244 25.51 -8.76 -0.71
C GLY A 244 24.02 -8.69 -0.45
N VAL A 245 23.32 -9.77 -0.76
CA VAL A 245 21.89 -9.86 -0.51
C VAL A 245 21.64 -11.07 0.38
N THR A 246 21.04 -10.84 1.54
CA THR A 246 20.87 -11.92 2.50
C THR A 246 19.54 -11.91 3.27
N VAL A 247 19.39 -12.92 4.12
CA VAL A 247 18.20 -13.10 4.94
C VAL A 247 18.07 -11.92 5.87
N LEU A 248 16.85 -11.47 6.07
CA LEU A 248 16.60 -10.37 6.99
C LEU A 248 16.98 -10.80 8.39
N PRO A 249 17.32 -9.83 9.25
CA PRO A 249 17.57 -10.21 10.64
C PRO A 249 16.34 -10.82 11.29
N THR A 250 16.56 -11.57 12.36
CA THR A 250 15.48 -12.07 13.19
C THR A 250 15.18 -11.09 14.29
N PHE A 251 14.02 -11.25 14.90
CA PHE A 251 13.58 -10.41 16.00
C PHE A 251 13.05 -11.30 17.10
N LYS A 252 13.63 -11.20 18.28
CA LYS A 252 13.31 -12.12 19.37
C LYS A 252 13.40 -13.55 18.86
N GLY A 253 14.41 -13.81 18.04
CA GLY A 253 14.69 -15.16 17.56
C GLY A 253 13.73 -15.68 16.51
N GLN A 254 12.82 -14.82 16.04
CA GLN A 254 11.88 -15.23 14.98
C GLN A 254 12.26 -14.53 13.67
N PRO A 255 12.08 -15.22 12.54
CA PRO A 255 12.46 -14.60 11.27
C PRO A 255 11.63 -13.34 10.99
N SER A 256 12.23 -12.34 10.35
CA SER A 256 11.42 -11.26 9.83
C SER A 256 10.53 -11.83 8.75
N LYS A 257 9.28 -11.36 8.69
CA LYS A 257 8.29 -11.93 7.78
C LYS A 257 7.79 -10.94 6.74
N PRO A 258 8.50 -10.82 5.62
CA PRO A 258 8.06 -9.92 4.56
C PRO A 258 6.71 -10.32 3.96
N PHE A 259 5.93 -9.34 3.53
CA PHE A 259 4.73 -9.63 2.75
C PHE A 259 5.18 -9.79 1.32
N VAL A 260 4.81 -10.92 0.75
CA VAL A 260 5.29 -11.29 -0.58
C VAL A 260 4.28 -10.87 -1.64
N GLY A 261 4.75 -10.18 -2.66
CA GLY A 261 3.88 -9.66 -3.70
C GLY A 261 4.14 -10.36 -5.01
N VAL A 262 3.08 -10.63 -5.75
CA VAL A 262 3.25 -11.14 -7.09
C VAL A 262 2.95 -9.97 -8.05
N LEU A 263 3.97 -9.50 -8.74
CA LEU A 263 3.76 -8.45 -9.72
C LEU A 263 2.87 -9.05 -10.80
N SER A 264 1.74 -8.40 -11.07
CA SER A 264 0.76 -8.98 -11.99
C SER A 264 0.28 -7.91 -12.97
N ALA A 265 -0.20 -8.38 -14.12
CA ALA A 265 -0.71 -7.51 -15.16
C ALA A 265 -2.17 -7.80 -15.39
N GLY A 266 -3.03 -6.83 -15.06
CA GLY A 266 -4.46 -6.96 -15.30
C GLY A 266 -4.85 -6.20 -16.55
N ILE A 267 -5.94 -6.65 -17.18
CA ILE A 267 -6.45 -6.00 -18.39
C ILE A 267 -7.73 -5.20 -18.09
N ASN A 268 -7.72 -3.91 -18.38
CA ASN A 268 -8.88 -3.07 -18.19
C ASN A 268 -10.15 -3.68 -18.79
N ALA A 269 -11.18 -3.90 -17.97
CA ALA A 269 -12.47 -4.37 -18.51
C ALA A 269 -13.00 -3.49 -19.66
N ALA A 270 -12.69 -2.20 -19.62
CA ALA A 270 -13.21 -1.26 -20.62
C ALA A 270 -12.37 -1.23 -21.88
N SER A 271 -11.25 -1.96 -21.88
CA SER A 271 -10.38 -1.96 -23.04
C SER A 271 -11.06 -2.60 -24.25
N PRO A 272 -10.95 -1.95 -25.42
CA PRO A 272 -11.46 -2.59 -26.64
C PRO A 272 -10.36 -3.45 -27.29
N ASN A 273 -9.22 -3.55 -26.62
CA ASN A 273 -8.09 -4.30 -27.17
C ASN A 273 -7.71 -5.52 -26.33
N LYS A 274 -8.71 -6.15 -25.72
CA LYS A 274 -8.47 -7.30 -24.87
C LYS A 274 -7.66 -8.39 -25.56
N GLU A 275 -8.08 -8.78 -26.75
CA GLU A 275 -7.39 -9.82 -27.51
C GLU A 275 -5.93 -9.48 -27.73
N LEU A 276 -5.66 -8.23 -28.08
CA LEU A 276 -4.29 -7.77 -28.31
C LEU A 276 -3.50 -7.76 -27.00
N ALA A 277 -4.16 -7.38 -25.92
CA ALA A 277 -3.53 -7.36 -24.60
C ALA A 277 -3.09 -8.77 -24.21
N LYS A 278 -3.97 -9.74 -24.43
CA LYS A 278 -3.65 -11.13 -24.12
C LYS A 278 -2.52 -11.66 -24.96
N GLU A 279 -2.51 -11.32 -26.24
CA GLU A 279 -1.43 -11.75 -27.13
C GLU A 279 -0.09 -11.18 -26.68
N PHE A 280 -0.07 -9.88 -26.39
CA PHE A 280 1.13 -9.21 -25.90
C PHE A 280 1.64 -9.90 -24.64
N LEU A 281 0.74 -10.08 -23.67
CA LEU A 281 1.15 -10.62 -22.37
C LEU A 281 1.58 -12.08 -22.44
N GLU A 282 0.77 -12.93 -23.08
CA GLU A 282 1.08 -14.34 -23.17
C GLU A 282 2.24 -14.69 -24.10
N ASN A 283 2.29 -14.05 -25.26
CA ASN A 283 3.27 -14.44 -26.26
C ASN A 283 4.46 -13.49 -26.40
N TYR A 284 4.45 -12.37 -25.70
CA TYR A 284 5.57 -11.45 -25.79
C TYR A 284 6.25 -11.18 -24.45
N LEU A 285 5.47 -10.82 -23.44
CA LEU A 285 6.02 -10.54 -22.12
C LEU A 285 6.39 -11.83 -21.38
N LEU A 286 5.42 -12.72 -21.23
CA LEU A 286 5.62 -13.95 -20.49
C LEU A 286 6.43 -14.97 -21.28
N THR A 287 7.59 -14.55 -21.76
CA THR A 287 8.51 -15.42 -22.45
C THR A 287 9.92 -15.20 -21.91
N ASP A 288 10.83 -16.11 -22.22
CA ASP A 288 12.20 -15.99 -21.74
C ASP A 288 12.83 -14.66 -22.17
N GLU A 289 12.65 -14.31 -23.44
CA GLU A 289 13.25 -13.07 -23.98
C GLU A 289 12.54 -11.80 -23.48
N GLY A 290 11.22 -11.87 -23.33
CA GLY A 290 10.44 -10.76 -22.85
C GLY A 290 10.80 -10.43 -21.41
N LEU A 291 10.85 -11.45 -20.56
CA LEU A 291 11.17 -11.26 -19.14
C LEU A 291 12.62 -10.81 -18.97
N GLU A 292 13.51 -11.38 -19.77
CA GLU A 292 14.91 -10.95 -19.78
C GLU A 292 15.06 -9.47 -20.17
N ALA A 293 14.35 -9.05 -21.21
CA ALA A 293 14.35 -7.63 -21.58
C ALA A 293 13.96 -6.74 -20.38
N VAL A 294 12.89 -7.12 -19.69
CA VAL A 294 12.47 -6.33 -18.54
C VAL A 294 13.47 -6.46 -17.38
N ASN A 295 13.95 -7.69 -17.17
CA ASN A 295 14.86 -7.99 -16.08
C ASN A 295 16.21 -7.26 -16.19
N LYS A 296 16.72 -7.06 -17.41
CA LYS A 296 18.02 -6.40 -17.63
C LYS A 296 17.94 -4.97 -17.18
N ASP A 297 16.77 -4.36 -17.41
CA ASP A 297 16.48 -3.01 -16.96
C ASP A 297 16.43 -2.87 -15.41
N LYS A 298 15.40 -3.46 -14.80
CA LYS A 298 15.32 -3.58 -13.33
C LYS A 298 14.97 -5.02 -12.98
N PRO A 299 15.78 -5.66 -12.12
CA PRO A 299 15.52 -7.07 -11.81
C PRO A 299 14.13 -7.32 -11.27
N LEU A 300 13.52 -8.42 -11.70
CA LEU A 300 12.12 -8.71 -11.40
C LEU A 300 11.98 -9.49 -10.11
N GLY A 301 13.08 -10.05 -9.64
CA GLY A 301 13.02 -11.03 -8.56
C GLY A 301 12.83 -12.40 -9.18
N ALA A 302 12.26 -13.33 -8.43
CA ALA A 302 11.92 -14.63 -9.00
C ALA A 302 10.77 -14.38 -9.96
N VAL A 303 10.69 -15.15 -11.04
CA VAL A 303 9.61 -14.96 -12.01
C VAL A 303 8.63 -16.13 -11.98
N ALA A 304 7.44 -15.90 -12.51
CA ALA A 304 6.40 -16.91 -12.54
C ALA A 304 6.66 -17.92 -13.62
N LEU A 305 7.32 -17.49 -14.70
CA LEU A 305 7.62 -18.38 -15.83
C LEU A 305 8.72 -19.41 -15.46
N LYS A 306 8.29 -20.66 -15.30
CA LYS A 306 9.20 -21.74 -14.87
C LYS A 306 10.50 -21.78 -15.66
N SER A 307 10.38 -21.75 -16.99
CA SER A 307 11.53 -21.88 -17.86
C SER A 307 12.61 -20.83 -17.53
N TYR A 308 12.20 -19.58 -17.36
CA TYR A 308 13.16 -18.52 -17.08
C TYR A 308 13.62 -18.46 -15.62
N GLU A 309 12.72 -18.81 -14.70
CA GLU A 309 13.09 -18.84 -13.29
C GLU A 309 14.26 -19.79 -13.08
N GLU A 310 14.33 -20.82 -13.92
CA GLU A 310 15.44 -21.77 -13.85
C GLU A 310 16.78 -21.09 -14.14
N GLU A 311 16.79 -20.17 -15.10
CA GLU A 311 17.96 -19.35 -15.35
C GLU A 311 18.27 -18.46 -14.15
N LEU A 312 17.28 -17.71 -13.69
CA LEU A 312 17.45 -16.77 -12.58
C LEU A 312 17.84 -17.43 -11.25
N ALA A 313 17.45 -18.67 -11.05
CA ALA A 313 17.65 -19.33 -9.76
C ALA A 313 19.13 -19.52 -9.41
N LYS A 314 19.98 -19.51 -10.43
CA LYS A 314 21.42 -19.68 -10.22
C LYS A 314 22.05 -18.47 -9.50
N ASP A 315 21.37 -17.34 -9.53
CA ASP A 315 21.83 -16.12 -8.87
C ASP A 315 21.58 -16.20 -7.37
N PRO A 316 22.64 -16.03 -6.57
CA PRO A 316 22.53 -16.08 -5.10
C PRO A 316 21.59 -15.01 -4.55
N ARG A 317 21.47 -13.88 -5.23
CA ARG A 317 20.58 -12.81 -4.79
C ARG A 317 19.14 -13.29 -4.88
N ILE A 318 18.87 -14.13 -5.87
CA ILE A 318 17.53 -14.70 -6.06
C ILE A 318 17.19 -15.77 -5.04
N ALA A 319 18.15 -16.65 -4.71
CA ALA A 319 17.93 -17.63 -3.64
C ALA A 319 17.69 -16.94 -2.30
N ALA A 320 18.43 -15.87 -2.04
CA ALA A 320 18.20 -15.05 -0.86
C ALA A 320 16.79 -14.43 -0.91
N THR A 321 16.40 -13.91 -2.07
CA THR A 321 15.05 -13.41 -2.24
C THR A 321 14.02 -14.48 -1.87
N MET A 322 14.18 -15.67 -2.43
CA MET A 322 13.26 -16.78 -2.17
C MET A 322 13.30 -17.29 -0.73
N GLU A 323 14.45 -17.22 -0.10
CA GLU A 323 14.54 -17.65 1.30
C GLU A 323 13.77 -16.69 2.24
N ASN A 324 13.82 -15.39 1.93
CA ASN A 324 13.04 -14.40 2.67
C ASN A 324 11.57 -14.55 2.37
N ALA A 325 11.25 -14.83 1.12
CA ALA A 325 9.87 -15.09 0.70
C ALA A 325 9.27 -16.29 1.41
N GLN A 326 10.01 -17.38 1.54
CA GLN A 326 9.50 -18.59 2.23
C GLN A 326 9.24 -18.28 3.71
N LYS A 327 10.00 -17.33 4.25
CA LYS A 327 9.81 -16.95 5.66
C LYS A 327 8.68 -15.94 5.86
N GLY A 328 8.15 -15.39 4.77
CA GLY A 328 7.08 -14.41 4.90
C GLY A 328 5.74 -15.01 4.55
N GLU A 329 4.83 -14.18 4.05
CA GLU A 329 3.51 -14.63 3.60
C GLU A 329 3.11 -13.98 2.28
N ILE A 330 2.41 -14.72 1.44
CA ILE A 330 1.85 -14.15 0.23
C ILE A 330 0.74 -13.19 0.64
N MET A 331 0.80 -11.97 0.13
CA MET A 331 -0.20 -10.98 0.46
C MET A 331 -1.60 -11.46 0.09
N PRO A 332 -2.58 -11.10 0.90
CA PRO A 332 -3.98 -11.35 0.54
C PRO A 332 -4.36 -10.39 -0.58
N ASN A 333 -5.30 -10.78 -1.43
CA ASN A 333 -5.73 -9.90 -2.51
C ASN A 333 -7.12 -9.33 -2.27
N ILE A 334 -7.65 -9.55 -1.07
CA ILE A 334 -9.01 -9.12 -0.78
C ILE A 334 -9.15 -7.58 -0.79
N PRO A 335 -10.37 -7.08 -1.01
CA PRO A 335 -10.52 -5.62 -1.14
C PRO A 335 -10.07 -4.89 0.12
N GLN A 336 -10.10 -5.56 1.26
CA GLN A 336 -9.80 -4.93 2.54
C GLN A 336 -8.31 -4.59 2.75
N MET A 337 -7.45 -5.09 1.87
CA MET A 337 -6.00 -4.85 1.96
C MET A 337 -5.61 -3.35 1.88
N SER A 338 -6.24 -2.61 0.98
CA SER A 338 -6.05 -1.17 0.91
C SER A 338 -6.24 -0.53 2.27
N ALA A 339 -7.35 -0.84 2.93
CA ALA A 339 -7.62 -0.29 4.26
C ALA A 339 -6.54 -0.72 5.26
N PHE A 340 -6.13 -1.98 5.20
CA PHE A 340 -5.06 -2.46 6.08
C PHE A 340 -3.77 -1.66 5.87
N TRP A 341 -3.32 -1.55 4.63
CA TRP A 341 -2.09 -0.82 4.36
C TRP A 341 -2.15 0.63 4.85
N TYR A 342 -3.23 1.34 4.56
CA TYR A 342 -3.35 2.73 5.01
C TYR A 342 -3.29 2.82 6.52
N ALA A 343 -3.96 1.89 7.21
CA ALA A 343 -4.02 1.93 8.67
C ALA A 343 -2.63 1.76 9.27
N VAL A 344 -1.85 0.83 8.71
CA VAL A 344 -0.52 0.57 9.24
C VAL A 344 0.45 1.70 8.88
N ARG A 345 0.33 2.22 7.67
CA ARG A 345 1.15 3.36 7.27
C ARG A 345 1.02 4.45 8.33
N THR A 346 -0.22 4.77 8.68
CA THR A 346 -0.49 5.86 9.62
C THR A 346 0.04 5.56 11.03
N ALA A 347 -0.06 4.32 11.45
CA ALA A 347 0.37 4.00 12.81
C ALA A 347 1.89 4.10 12.91
N VAL A 348 2.59 3.62 11.88
CA VAL A 348 4.03 3.70 11.87
C VAL A 348 4.51 5.16 11.83
N ILE A 349 3.91 5.96 10.96
CA ILE A 349 4.29 7.38 10.89
C ILE A 349 4.05 8.10 12.22
N ASN A 350 2.87 7.89 12.80
CA ASN A 350 2.54 8.44 14.11
C ASN A 350 3.46 8.03 15.26
N ALA A 351 3.73 6.73 15.36
CA ALA A 351 4.57 6.18 16.43
C ALA A 351 6.00 6.67 16.29
N ALA A 352 6.48 6.71 15.05
CA ALA A 352 7.87 7.05 14.76
C ALA A 352 8.20 8.51 15.09
N SER A 353 7.18 9.37 15.05
CA SER A 353 7.33 10.78 15.34
C SER A 353 6.96 11.07 16.79
N GLY A 354 6.43 10.09 17.50
CA GLY A 354 6.07 10.30 18.90
C GLY A 354 4.73 11.01 19.08
N ARG A 355 4.04 11.26 17.98
CA ARG A 355 2.72 11.87 17.97
C ARG A 355 1.69 11.02 18.74
N GLN A 356 1.89 9.70 18.74
CA GLN A 356 1.08 8.76 19.52
C GLN A 356 1.97 7.65 20.06
N THR A 357 1.60 7.08 21.18
CA THR A 357 2.31 5.89 21.67
C THR A 357 2.16 4.76 20.68
N VAL A 358 3.00 3.74 20.81
CA VAL A 358 2.87 2.54 20.00
C VAL A 358 1.49 1.94 20.26
N ASP A 359 1.11 1.86 21.53
CA ASP A 359 -0.18 1.29 21.88
C ASP A 359 -1.34 2.07 21.27
N ALA A 360 -1.34 3.39 21.43
CA ALA A 360 -2.38 4.22 20.83
C ALA A 360 -2.42 4.04 19.32
N ALA A 361 -1.25 4.09 18.69
CA ALA A 361 -1.17 4.05 17.24
C ALA A 361 -1.69 2.72 16.69
N LEU A 362 -1.30 1.62 17.34
CA LEU A 362 -1.73 0.30 16.87
C LEU A 362 -3.21 0.03 17.16
N ALA A 363 -3.71 0.53 18.29
CA ALA A 363 -5.13 0.35 18.63
C ALA A 363 -6.00 1.00 17.56
N ALA A 364 -5.63 2.20 17.14
CA ALA A 364 -6.33 2.89 16.06
C ALA A 364 -6.22 2.14 14.74
N ALA A 365 -5.02 1.64 14.43
CA ALA A 365 -4.81 0.92 13.19
C ALA A 365 -5.71 -0.31 13.17
N GLN A 366 -5.78 -0.99 14.30
CA GLN A 366 -6.61 -2.17 14.47
C GLN A 366 -8.07 -1.87 14.11
N THR A 367 -8.56 -0.74 14.59
CA THR A 367 -9.95 -0.32 14.38
C THR A 367 -10.18 0.07 12.92
N ASN A 368 -9.22 0.77 12.34
CA ASN A 368 -9.35 1.20 10.95
C ASN A 368 -9.21 0.04 9.96
N ALA A 369 -8.38 -0.93 10.28
CA ALA A 369 -8.17 -2.04 9.36
C ALA A 369 -9.41 -2.93 9.25
N ALA A 370 -10.20 -2.99 10.32
CA ALA A 370 -11.30 -3.95 10.40
C ALA A 370 -12.68 -3.37 10.11
N ALA A 371 -12.77 -2.05 9.87
CA ALA A 371 -14.04 -1.40 9.51
C ALA A 371 -13.95 0.13 9.40
N MET A 372 -15.04 0.75 8.96
CA MET A 372 -15.23 2.20 9.08
C MET A 372 -16.63 2.50 9.62
N ASP A 373 -17.25 1.46 10.19
CA ASP A 373 -18.56 1.58 10.83
C ASP A 373 -18.51 2.58 11.98
N ASP A 374 -17.38 2.65 12.63
CA ASP A 374 -17.20 3.54 13.76
C ASP A 374 -17.27 5.00 13.32
N LEU A 375 -16.60 5.33 12.22
CA LEU A 375 -16.70 6.67 11.66
C LEU A 375 -18.15 7.07 11.39
N ASP A 376 -18.91 6.17 10.78
CA ASP A 376 -20.30 6.49 10.46
C ASP A 376 -21.15 6.73 11.69
N ALA A 377 -20.90 5.96 12.75
CA ALA A 377 -21.62 6.14 14.01
C ALA A 377 -21.29 7.50 14.65
N LEU A 378 -20.01 7.84 14.69
CA LEU A 378 -19.59 9.12 15.23
C LEU A 378 -20.11 10.30 14.41
N LEU A 379 -20.11 10.16 13.09
CA LEU A 379 -20.48 11.25 12.20
C LEU A 379 -21.90 11.09 11.65
N ALA A 380 -22.80 10.60 12.48
CA ALA A 380 -24.19 10.42 12.07
C ALA A 380 -24.87 11.76 11.82
N ASP A 381 -25.96 11.74 11.05
CA ASP A 381 -26.69 12.95 10.71
C ASP A 381 -27.21 13.65 11.96
N LYS A 382 -27.24 14.97 11.92
CA LYS A 382 -27.73 15.78 13.04
C LYS A 382 -28.25 17.13 12.56
N PRO A 397 -20.72 15.97 28.10
CA PRO A 397 -21.24 14.81 27.38
C PRO A 397 -20.10 13.94 26.86
N PHE A 398 -19.08 14.57 26.29
CA PHE A 398 -17.92 13.85 25.77
C PHE A 398 -16.79 13.86 26.78
N SER A 399 -16.87 14.76 27.76
CA SER A 399 -15.84 14.89 28.77
C SER A 399 -15.73 13.62 29.63
N GLY A 400 -14.50 13.22 29.92
CA GLY A 400 -14.25 12.05 30.72
C GLY A 400 -14.25 10.77 29.90
N LEU A 401 -14.51 10.91 28.61
CA LEU A 401 -14.56 9.75 27.72
C LEU A 401 -13.22 9.53 27.02
N ASP A 402 -12.99 8.30 26.59
CA ASP A 402 -11.81 7.94 25.82
C ASP A 402 -12.07 8.08 24.32
N CYS A 403 -11.01 8.08 23.52
CA CYS A 403 -11.12 7.99 22.07
C CYS A 403 -11.44 6.55 21.64
N LEU A 404 -12.48 6.41 20.83
CA LEU A 404 -12.89 5.12 20.28
C LEU A 404 -11.72 4.37 19.62
N TRP A 405 -10.86 5.14 18.94
CA TRP A 405 -9.76 4.59 18.14
C TRP A 405 -8.52 4.22 18.97
N CYS A 406 -7.89 5.22 19.58
CA CYS A 406 -6.63 5.00 20.25
C CYS A 406 -6.82 4.62 21.71
N ARG A 407 -8.06 4.71 22.20
CA ARG A 407 -8.40 4.34 23.57
C ARG A 407 -7.72 5.20 24.64
N GLU A 408 -7.28 6.41 24.27
CA GLU A 408 -6.73 7.36 25.24
C GLU A 408 -7.82 8.34 25.63
N PRO A 409 -7.75 8.86 26.86
CA PRO A 409 -8.73 9.83 27.35
C PRO A 409 -8.73 11.10 26.51
N LEU A 410 -9.91 11.54 26.11
CA LEU A 410 -10.03 12.81 25.43
C LEU A 410 -9.58 13.95 26.36
N THR A 411 -8.69 14.79 25.86
CA THR A 411 -8.39 16.04 26.54
C THR A 411 -9.67 16.88 26.50
N GLU A 412 -9.70 17.98 27.24
CA GLU A 412 -10.93 18.78 27.26
C GLU A 412 -11.15 19.62 25.99
N VAL A 413 -10.08 19.97 25.26
CA VAL A 413 -10.26 20.56 23.93
C VAL A 413 -10.90 19.52 22.97
N ASP A 414 -10.38 18.29 22.97
CA ASP A 414 -10.95 17.30 22.07
C ASP A 414 -12.40 16.97 22.41
N ALA A 415 -12.73 16.98 23.70
CA ALA A 415 -14.11 16.85 24.15
C ALA A 415 -14.98 18.02 23.65
N PHE A 416 -14.46 19.23 23.81
CA PHE A 416 -15.12 20.41 23.28
C PHE A 416 -15.35 20.27 21.77
N ARG A 417 -14.32 19.85 21.04
CA ARG A 417 -14.42 19.77 19.58
C ARG A 417 -15.48 18.76 19.15
N CYS A 418 -15.56 17.65 19.87
CA CYS A 418 -16.55 16.61 19.60
C CYS A 418 -17.95 17.20 19.69
N MET A 419 -18.15 18.08 20.66
CA MET A 419 -19.45 18.69 20.87
C MET A 419 -19.74 19.71 19.78
N VAL A 420 -18.80 20.62 19.55
CA VAL A 420 -18.99 21.68 18.57
C VAL A 420 -19.10 21.14 17.16
N LYS A 421 -18.40 20.03 16.88
CA LYS A 421 -18.45 19.41 15.57
C LYS A 421 -19.74 18.62 15.41
N ASP A 422 -20.49 18.50 16.48
CA ASP A 422 -21.78 17.79 16.46
C ASP A 422 -21.60 16.29 16.25
N PHE A 423 -20.66 15.70 16.99
CA PHE A 423 -20.43 14.27 16.90
C PHE A 423 -21.45 13.51 17.74
N HIS A 424 -21.51 12.20 17.53
CA HIS A 424 -22.39 11.34 18.31
C HIS A 424 -21.56 10.39 19.16
N VAL A 425 -21.95 10.22 20.42
CA VAL A 425 -21.27 9.30 21.31
C VAL A 425 -21.40 7.88 20.78
N VAL A 426 -20.30 7.17 20.68
CA VAL A 426 -20.31 5.82 20.16
C VAL A 426 -20.21 4.84 21.32
N ILE A 427 -21.10 3.85 21.35
CA ILE A 427 -21.09 2.81 22.36
C ILE A 427 -20.50 1.53 21.80
N ARG A 428 -19.48 0.99 22.45
CA ARG A 428 -18.92 -0.29 22.05
C ARG A 428 -18.76 -1.20 23.25
N GLU A 429 -19.50 -2.31 23.24
CA GLU A 429 -19.52 -3.24 24.36
C GLU A 429 -19.84 -2.51 25.65
N GLY A 430 -20.91 -1.73 25.64
CA GLY A 430 -21.39 -1.08 26.84
C GLY A 430 -20.75 0.26 27.16
N CYS A 431 -19.55 0.48 26.61
CA CYS A 431 -18.78 1.69 26.91
C CYS A 431 -19.03 2.84 25.93
N ARG A 432 -18.98 4.05 26.44
CA ARG A 432 -19.17 5.24 25.62
C ARG A 432 -17.82 5.85 25.22
N TYR A 433 -17.75 6.35 23.99
CA TYR A 433 -16.51 6.92 23.42
C TYR A 433 -16.78 8.13 22.54
N GLY A 434 -15.80 9.04 22.49
CA GLY A 434 -15.73 10.06 21.46
C GLY A 434 -14.58 9.79 20.50
N ALA A 435 -13.89 10.85 20.07
CA ALA A 435 -12.71 10.72 19.20
C ALA A 435 -11.75 11.87 19.42
N CYS A 436 -10.44 11.58 19.45
CA CYS A 436 -9.47 12.67 19.53
C CYS A 436 -9.27 13.21 18.11
N THR A 437 -8.70 14.40 17.99
CA THR A 437 -8.56 15.07 16.70
C THR A 437 -7.65 14.27 15.76
N ILE A 438 -6.62 13.65 16.33
CA ILE A 438 -5.63 12.93 15.55
C ILE A 438 -6.22 11.72 14.84
N CYS A 439 -6.94 10.91 15.61
CA CYS A 439 -7.53 9.68 15.08
C CYS A 439 -8.65 10.01 14.09
N LEU A 440 -9.42 11.06 14.41
CA LEU A 440 -10.50 11.48 13.54
C LEU A 440 -9.96 11.97 12.20
N GLU A 441 -8.93 12.80 12.26
CA GLU A 441 -8.32 13.35 11.05
C GLU A 441 -7.66 12.28 10.20
N ASN A 442 -6.93 11.37 10.84
CA ASN A 442 -6.31 10.25 10.10
C ASN A 442 -7.40 9.43 9.40
N CYS A 443 -8.48 9.14 10.12
CA CYS A 443 -9.57 8.36 9.56
C CYS A 443 -10.22 9.06 8.34
N LEU A 444 -10.52 10.35 8.46
CA LEU A 444 -11.09 11.09 7.32
C LEU A 444 -10.12 11.17 6.14
N ALA A 445 -8.83 11.29 6.43
CA ALA A 445 -7.80 11.31 5.37
C ALA A 445 -7.83 9.99 4.59
N THR A 446 -7.88 8.88 5.31
CA THR A 446 -8.00 7.57 4.67
C THR A 446 -9.29 7.44 3.87
N GLU A 447 -10.36 8.07 4.32
CA GLU A 447 -11.61 8.02 3.55
C GLU A 447 -11.45 8.71 2.17
N ARG A 448 -10.83 9.88 2.15
CA ARG A 448 -10.61 10.63 0.91
C ARG A 448 -9.70 9.88 -0.04
N ARG A 449 -8.74 9.14 0.51
CA ARG A 449 -7.74 8.43 -0.28
C ARG A 449 -8.29 7.12 -0.80
N LEU A 450 -9.20 6.53 -0.04
CA LEU A 450 -9.72 5.18 -0.28
C LEU A 450 -11.01 5.23 -1.10
N TRP A 451 -11.72 6.34 -1.01
CA TRP A 451 -12.96 6.54 -1.73
C TRP A 451 -12.98 7.92 -2.35
N GLN A 452 -12.25 8.03 -3.45
CA GLN A 452 -12.29 9.23 -4.28
C GLN A 452 -13.75 9.55 -4.56
N GLY A 453 -14.19 10.73 -4.15
CA GLY A 453 -15.57 11.07 -4.42
C GLY A 453 -15.78 11.52 -5.84
N VAL A 454 -17.03 11.50 -6.30
CA VAL A 454 -17.37 12.20 -7.52
C VAL A 454 -18.04 13.51 -7.10
N PRO A 455 -17.79 14.58 -7.87
CA PRO A 455 -18.39 15.88 -7.56
C PRO A 455 -19.90 15.91 -7.78
N VAL A 456 -20.65 16.43 -6.82
CA VAL A 456 -22.08 16.64 -6.99
C VAL A 456 -22.46 18.07 -6.65
N THR A 457 -23.52 18.54 -7.33
CA THR A 457 -24.07 19.88 -7.09
C THR A 457 -25.01 19.80 -5.92
N GLY A 458 -25.47 20.96 -5.45
CA GLY A 458 -26.46 21.01 -4.39
C GLY A 458 -27.75 20.33 -4.80
N GLU A 459 -28.16 20.58 -6.05
CA GLU A 459 -29.38 19.97 -6.58
C GLU A 459 -29.28 18.45 -6.55
N GLU A 460 -28.14 17.93 -7.00
CA GLU A 460 -27.91 16.49 -7.03
C GLU A 460 -28.02 15.90 -5.62
N ALA A 461 -27.54 16.64 -4.64
CA ALA A 461 -27.58 16.20 -3.25
C ALA A 461 -29.00 16.18 -2.71
N GLU A 462 -29.73 17.25 -2.97
CA GLU A 462 -31.12 17.35 -2.53
C GLU A 462 -31.96 16.24 -3.14
N LEU A 463 -31.74 15.97 -4.42
CA LEU A 463 -32.47 14.94 -5.14
C LEU A 463 -32.18 13.56 -4.59
N LEU A 464 -30.93 13.33 -4.20
CA LEU A 464 -30.50 12.03 -3.72
C LEU A 464 -31.01 11.73 -2.31
N HIS A 465 -31.18 12.77 -1.50
CA HIS A 465 -31.59 12.59 -0.12
C HIS A 465 -32.92 13.27 0.20
N GLY A 466 -33.79 13.37 -0.81
CA GLY A 466 -35.09 13.97 -0.63
C GLY A 466 -35.14 14.95 0.53
N LYS A 467 -34.37 16.02 0.42
CA LYS A 467 -34.31 17.06 1.44
C LYS A 467 -33.62 18.32 0.92
N THR A 468 -34.12 19.48 1.35
CA THR A 468 -33.57 20.74 0.93
C THR A 468 -32.14 20.82 1.47
N LEU A 469 -31.30 21.64 0.83
CA LEU A 469 -29.89 21.71 1.21
C LEU A 469 -29.69 22.21 2.64
N ASP A 470 -30.53 23.15 3.07
CA ASP A 470 -30.43 23.68 4.43
C ASP A 470 -30.68 22.59 5.48
N ARG A 471 -31.41 21.55 5.10
CA ARG A 471 -31.77 20.51 6.06
C ARG A 471 -30.90 19.26 5.93
N LEU A 472 -30.08 19.22 4.88
CA LEU A 472 -29.17 18.10 4.70
C LEU A 472 -27.99 18.24 5.65
N CYS A 473 -27.66 17.16 6.35
CA CYS A 473 -26.45 17.15 7.18
C CYS A 473 -25.24 16.82 6.31
N ILE A 474 -24.49 17.86 5.94
CA ILE A 474 -23.26 17.69 5.17
C ILE A 474 -22.10 18.05 6.08
N ARG A 475 -21.10 17.16 6.13
CA ARG A 475 -19.94 17.36 6.98
C ARG A 475 -18.67 17.68 6.18
N CYS A 476 -17.75 18.39 6.82
CA CYS A 476 -16.45 18.69 6.24
C CYS A 476 -15.64 17.40 6.07
N CYS A 477 -15.05 17.20 4.90
CA CYS A 477 -14.26 16.00 4.62
C CYS A 477 -12.88 16.04 5.28
N TYR A 478 -12.51 17.18 5.88
CA TYR A 478 -11.25 17.28 6.60
C TYR A 478 -11.37 17.18 8.12
N CYS A 479 -12.28 17.95 8.71
CA CYS A 479 -12.44 17.93 10.17
C CYS A 479 -13.68 17.18 10.70
N GLY A 480 -14.58 16.77 9.80
CA GLY A 480 -15.78 16.08 10.21
C GLY A 480 -16.87 16.98 10.78
N GLY A 481 -16.59 18.28 10.87
CA GLY A 481 -17.57 19.21 11.41
C GLY A 481 -18.76 19.41 10.48
N LYS A 482 -19.94 19.58 11.08
CA LYS A 482 -21.16 19.81 10.31
C LYS A 482 -21.18 21.21 9.72
N LEU A 483 -21.27 21.28 8.40
CA LEU A 483 -21.29 22.57 7.70
C LEU A 483 -22.51 23.38 8.09
N THR A 484 -22.31 24.69 8.25
CA THR A 484 -23.40 25.59 8.56
C THR A 484 -24.19 25.89 7.29
N LYS A 485 -25.34 26.54 7.44
CA LYS A 485 -26.16 26.91 6.30
C LYS A 485 -25.36 27.75 5.31
N ASN A 486 -24.59 28.70 5.83
CA ASN A 486 -23.77 29.56 4.99
C ASN A 486 -22.63 28.81 4.33
N GLU A 487 -22.01 27.89 5.06
CA GLU A 487 -20.94 27.08 4.51
C GLU A 487 -21.45 26.23 3.33
N LYS A 488 -22.65 25.69 3.45
CA LYS A 488 -23.20 24.89 2.35
C LYS A 488 -23.53 25.79 1.16
N HIS A 489 -24.12 26.94 1.44
CA HIS A 489 -24.44 27.90 0.40
C HIS A 489 -23.17 28.38 -0.29
N ARG A 490 -22.03 28.32 0.39
CA ARG A 490 -20.79 28.79 -0.25
C ARG A 490 -20.49 27.89 -1.44
N HIS A 491 -20.67 26.59 -1.25
CA HIS A 491 -20.45 25.62 -2.32
C HIS A 491 -21.26 25.98 -3.56
N VAL A 492 -22.53 26.30 -3.35
CA VAL A 492 -23.44 26.64 -4.44
C VAL A 492 -23.10 27.99 -5.08
N LEU A 493 -22.97 29.01 -4.23
CA LEU A 493 -22.71 30.36 -4.71
C LEU A 493 -21.42 30.47 -5.52
N PHE A 494 -20.39 29.76 -5.08
CA PHE A 494 -19.08 29.85 -5.73
C PHE A 494 -18.76 28.65 -6.60
N ASN A 495 -19.79 27.94 -7.02
CA ASN A 495 -19.63 26.83 -7.95
C ASN A 495 -18.58 25.81 -7.50
N GLU A 496 -18.54 25.52 -6.21
CA GLU A 496 -17.65 24.48 -5.69
C GLU A 496 -18.47 23.25 -5.32
N PRO A 497 -18.28 22.18 -6.08
CA PRO A 497 -19.06 20.95 -5.92
C PRO A 497 -18.86 20.26 -4.58
N PHE A 498 -19.90 19.59 -4.11
CA PHE A 498 -19.78 18.73 -2.95
C PHE A 498 -19.15 17.43 -3.41
N CYS A 499 -18.87 16.54 -2.46
CA CYS A 499 -18.26 15.26 -2.78
C CYS A 499 -19.14 14.09 -2.35
N LYS A 500 -19.48 13.23 -3.30
CA LYS A 500 -20.26 12.04 -3.02
C LYS A 500 -19.33 10.86 -2.85
N THR A 501 -19.13 10.45 -1.60
CA THR A 501 -18.23 9.35 -1.29
C THR A 501 -18.99 8.04 -1.17
N ARG A 502 -18.53 7.16 -0.28
CA ARG A 502 -19.16 5.86 -0.09
C ARG A 502 -20.52 5.98 0.58
N ALA A 503 -21.42 5.05 0.25
CA ALA A 503 -22.73 5.00 0.87
C ALA A 503 -23.59 6.22 0.57
N ASN A 504 -23.28 6.91 -0.52
CA ASN A 504 -24.03 8.10 -0.90
C ASN A 504 -23.83 9.27 0.07
N ILE A 505 -22.82 9.15 0.92
CA ILE A 505 -22.46 10.21 1.85
C ILE A 505 -22.02 11.43 1.05
N ILE A 506 -22.48 12.61 1.45
CA ILE A 506 -22.08 13.86 0.80
C ILE A 506 -21.20 14.68 1.73
N ARG A 507 -20.00 15.01 1.28
CA ARG A 507 -19.09 15.83 2.07
C ARG A 507 -18.86 17.19 1.44
N GLY A 508 -18.34 18.12 2.23
CA GLY A 508 -18.00 19.44 1.75
C GLY A 508 -16.77 19.96 2.46
N ARG A 509 -16.59 21.27 2.44
CA ARG A 509 -15.46 21.88 3.14
C ARG A 509 -15.93 23.08 3.96
N CYS A 510 -15.57 23.09 5.24
CA CYS A 510 -15.88 24.23 6.10
C CYS A 510 -14.97 25.41 5.74
N TYR A 511 -15.36 26.60 6.14
CA TYR A 511 -14.56 27.80 5.87
C TYR A 511 -13.11 27.58 6.25
N ASP A 512 -12.88 27.09 7.46
CA ASP A 512 -11.53 26.89 7.97
C ASP A 512 -10.72 25.86 7.17
N CYS A 513 -11.40 24.86 6.61
CA CYS A 513 -10.72 23.78 5.92
C CYS A 513 -10.59 24.00 4.41
N CYS A 514 -10.71 25.24 3.97
CA CYS A 514 -10.58 25.57 2.56
C CYS A 514 -9.12 25.74 2.17
N ARG A 515 -8.43 24.62 1.93
CA ARG A 515 -7.01 24.66 1.57
C ARG A 515 -6.74 25.48 0.31
N HIS A 516 -5.74 26.34 0.38
CA HIS A 516 -5.37 27.18 -0.76
C HIS A 516 -6.28 26.94 -1.94
C1 GLC B . 7.36 -2.00 -4.57
C2 GLC B . 6.64 -3.34 -4.52
C3 GLC B . 5.21 -3.17 -4.04
C4 GLC B . 5.17 -2.36 -2.75
C5 GLC B . 5.99 -1.09 -2.87
C6 GLC B . 6.05 -0.35 -1.54
O1 GLC B . 6.74 -1.15 -5.53
O2 GLC B . 6.64 -3.91 -5.83
O3 GLC B . 4.64 -4.46 -3.81
O4 GLC B . 3.82 -2.02 -2.44
O5 GLC B . 7.32 -1.39 -3.28
O6 GLC B . 6.36 1.02 -1.78
C1 GLC B . 3.21 -2.91 -1.51
C2 GLC B . 1.81 -3.24 -1.98
C3 GLC B . 1.02 -1.95 -2.14
C4 GLC B . 1.02 -1.19 -0.82
C5 GLC B . 2.42 -1.03 -0.27
C6 GLC B . 2.37 -0.46 1.14
O2 GLC B . 1.88 -3.94 -3.23
O3 GLC B . -0.32 -2.26 -2.53
O4 GLC B . 0.44 0.10 -1.03
O5 GLC B . 3.11 -2.28 -0.23
O6 GLC B . 3.64 0.10 1.50
C1 GLC B . -0.87 0.21 -0.48
C2 GLC B . -1.80 0.83 -1.51
C3 GLC B . -1.30 2.22 -1.90
C4 GLC B . -1.09 3.06 -0.65
C5 GLC B . -0.25 2.32 0.39
C6 GLC B . -0.15 3.12 1.68
O2 GLC B . -1.87 0.00 -2.68
O3 GLC B . -2.24 2.86 -2.76
O4 GLC B . -0.44 4.29 -1.00
O5 GLC B . -0.84 1.05 0.66
O6 GLC B . 1.10 2.83 2.30
ZN ZN C . -13.46 21.49 8.29
ZN ZN D . -7.46 8.86 19.26
#